data_1Z6F
#
_entry.id   1Z6F
#
_cell.length_a   109.760
_cell.length_b   50.250
_cell.length_c   84.310
_cell.angle_alpha   90.00
_cell.angle_beta   120.20
_cell.angle_gamma   90.00
#
_symmetry.space_group_name_H-M   'C 1 2 1'
#
loop_
_entity.id
_entity.type
_entity.pdbx_description
1 polymer 'Penicillin-binding protein 5'
2 non-polymer N1-[(1R)-1-(DIHYDROXYBORYL)ETHYL]-N2-[(TERT-BUTOXYCARBONYL)-D-GAMMA-GLUTAMYL]-N6-[(BENZYLOXY)CARBONYL-L-LYSINAMIDE
3 non-polymer GLYCEROL
4 water water
#
_entity_poly.entity_id   1
_entity_poly.type   'polypeptide(L)'
_entity_poly.pdbx_seq_one_letter_code
;DDLNIKTMIPGVPQIDAESYILIDYNSGKVLAEQNADVRRDPASLTKMMTSYVIGQAMKAGKFKETDLVTIGNDAWATGN
PVFKGSSLMFLKPGMQVPVSQLIRGINLQSGNDACVAMADFAAGSQDAFVGLMNSYVNALGLKNTHFQTVHGLDADGQYS
SARDMALIGQALIRDVPNEYSIYKEKEFTFNGIRQLNRNGLLWDNSLNVDGIKTGHTDKAGYNLVASATEGQMRLISAVM
GGRTFKGREAESKKLLTWGFRFFETVNPLKVGKEFASEPVWFGDSDRASLGVDKDVYLTIPRGRMKDLKASYVLNSSELH
APLQKNQVVGTINFQLDGKTIEQRPLVVLQEIPEGNFGDPVID
;
_entity_poly.pdbx_strand_id   A
#
# COMPACT_ATOMS: atom_id res chain seq x y z
N ASN A 4 26.60 6.42 -21.98
CA ASN A 4 25.30 5.94 -22.55
C ASN A 4 24.70 4.77 -21.77
N ILE A 5 25.57 3.87 -21.33
CA ILE A 5 25.15 2.73 -20.50
C ILE A 5 24.76 3.20 -19.09
N LYS A 6 25.53 4.14 -18.54
CA LYS A 6 25.21 4.73 -17.24
C LYS A 6 23.85 5.44 -17.29
N THR A 7 23.65 6.26 -18.32
CA THR A 7 22.49 7.15 -18.38
C THR A 7 21.27 6.58 -19.13
N MET A 8 21.33 5.30 -19.50
CA MET A 8 20.23 4.63 -20.19
C MET A 8 18.89 4.78 -19.45
N ILE A 9 17.83 5.05 -20.21
CA ILE A 9 16.45 4.93 -19.72
C ILE A 9 15.84 3.65 -20.28
N PRO A 10 15.54 2.66 -19.40
CA PRO A 10 15.06 1.39 -19.89
C PRO A 10 13.68 1.49 -20.57
N GLY A 11 13.47 0.73 -21.63
CA GLY A 11 12.16 0.63 -22.24
C GLY A 11 11.20 -0.20 -21.39
N VAL A 12 9.97 0.25 -21.28
CA VAL A 12 8.97 -0.43 -20.48
C VAL A 12 8.34 -1.57 -21.29
N PRO A 13 8.13 -2.74 -20.67
CA PRO A 13 7.42 -3.82 -21.39
C PRO A 13 5.96 -3.48 -21.73
N GLN A 14 5.46 -4.02 -22.85
CA GLN A 14 4.05 -3.91 -23.14
C GLN A 14 3.26 -4.70 -22.12
N ILE A 15 2.17 -4.11 -21.63
CA ILE A 15 1.33 -4.73 -20.62
C ILE A 15 -0.09 -4.84 -21.15
N ASP A 16 -0.62 -6.06 -21.19
CA ASP A 16 -1.92 -6.34 -21.82
C ASP A 16 -3.06 -6.03 -20.87
N ALA A 17 -3.19 -4.75 -20.52
CA ALA A 17 -4.20 -4.31 -19.56
C ALA A 17 -4.58 -2.87 -19.80
N GLU A 18 -5.74 -2.46 -19.30
CA GLU A 18 -6.21 -1.09 -19.46
C GLU A 18 -5.37 -0.07 -18.70
N SER A 19 -4.89 -0.45 -17.51
CA SER A 19 -4.07 0.49 -16.76
C SER A 19 -3.14 -0.27 -15.84
N TYR A 20 -2.05 0.40 -15.49
CA TYR A 20 -1.09 -0.18 -14.56
C TYR A 20 -0.23 0.89 -13.93
N ILE A 21 0.38 0.53 -12.81
CA ILE A 21 1.40 1.33 -12.23
C ILE A 21 2.35 0.40 -11.51
N LEU A 22 3.60 0.83 -11.42
CA LEU A 22 4.60 0.10 -10.67
C LEU A 22 5.30 1.12 -9.78
N ILE A 23 5.27 0.90 -8.46
CA ILE A 23 5.91 1.85 -7.55
C ILE A 23 6.87 1.17 -6.60
N ASP A 24 7.78 1.96 -6.03
CA ASP A 24 8.62 1.47 -4.94
C ASP A 24 7.94 1.74 -3.61
N TYR A 25 7.77 0.70 -2.80
CA TYR A 25 7.05 0.80 -1.53
C TYR A 25 7.68 1.82 -0.58
N ASN A 26 9.00 1.81 -0.49
CA ASN A 26 9.70 2.67 0.45
C ASN A 26 9.88 4.14 0.01
N SER A 27 10.24 4.36 -1.24
CA SER A 27 10.44 5.73 -1.75
C SER A 27 9.17 6.36 -2.33
N GLY A 28 8.18 5.55 -2.70
CA GLY A 28 7.00 6.05 -3.41
C GLY A 28 7.26 6.37 -4.88
N LYS A 29 8.49 6.17 -5.33
CA LYS A 29 8.82 6.41 -6.73
C LYS A 29 7.95 5.60 -7.70
N VAL A 30 7.40 6.26 -8.71
CA VAL A 30 6.67 5.60 -9.79
C VAL A 30 7.66 5.19 -10.88
N LEU A 31 7.81 3.89 -11.09
CA LEU A 31 8.79 3.39 -12.06
C LEU A 31 8.25 3.33 -13.47
N ALA A 32 6.97 3.04 -13.58
CA ALA A 32 6.28 2.94 -14.87
C ALA A 32 4.80 3.11 -14.60
N GLU A 33 4.09 3.65 -15.58
CA GLU A 33 2.66 3.87 -15.43
C GLU A 33 1.99 4.02 -16.79
N GLN A 34 0.74 3.57 -16.88
CA GLN A 34 -0.10 3.83 -18.06
C GLN A 34 -1.52 3.98 -17.59
N ASN A 35 -2.14 5.13 -17.87
CA ASN A 35 -3.54 5.32 -17.47
C ASN A 35 -3.74 5.12 -15.96
N ALA A 36 -2.74 5.48 -15.17
CA ALA A 36 -2.79 5.12 -13.74
C ALA A 36 -3.88 5.83 -12.94
N ASP A 37 -4.39 6.95 -13.46
CA ASP A 37 -5.45 7.70 -12.77
C ASP A 37 -6.83 7.54 -13.38
N VAL A 38 -6.93 6.72 -14.41
CA VAL A 38 -8.24 6.39 -14.98
C VAL A 38 -9.12 5.59 -14.01
N ARG A 39 -10.35 6.08 -13.81
CA ARG A 39 -11.30 5.48 -12.91
C ARG A 39 -11.90 4.25 -13.53
N ARG A 40 -11.82 3.15 -12.78
CA ARG A 40 -12.23 1.83 -13.26
C ARG A 40 -12.95 1.08 -12.16
N ASP A 41 -13.68 0.04 -12.54
CA ASP A 41 -14.30 -0.86 -11.56
C ASP A 41 -13.23 -1.63 -10.76
N PRO A 42 -13.26 -1.53 -9.43
CA PRO A 42 -12.18 -2.20 -8.68
C PRO A 42 -12.37 -3.70 -8.39
N ALA A 43 -13.58 -4.23 -8.56
CA ALA A 43 -13.81 -5.64 -8.18
C ALA A 43 -13.28 -5.95 -6.77
N SER A 44 -12.72 -7.14 -6.54
CA SER A 44 -12.22 -7.52 -5.19
C SER A 44 -11.04 -6.73 -4.65
N LEU A 45 -10.46 -5.85 -5.46
CA LEU A 45 -9.44 -4.97 -4.94
C LEU A 45 -10.04 -4.09 -3.83
N THR A 46 -11.35 -3.91 -3.90
CA THR A 46 -12.09 -3.22 -2.82
C THR A 46 -11.75 -3.83 -1.46
N LYS A 47 -11.52 -5.15 -1.45
CA LYS A 47 -11.32 -5.87 -0.20
C LYS A 47 -9.99 -5.51 0.48
N MET A 48 -9.01 -4.95 -0.25
CA MET A 48 -7.84 -4.37 0.39
C MET A 48 -8.23 -3.27 1.36
N MET A 49 -9.22 -2.46 0.97
CA MET A 49 -9.69 -1.40 1.86
C MET A 49 -10.51 -1.95 3.01
N THR A 50 -11.31 -2.96 2.73
CA THR A 50 -12.05 -3.64 3.81
C THR A 50 -11.06 -4.19 4.85
N SER A 51 -10.06 -4.89 4.33
CA SER A 51 -8.97 -5.43 5.15
C SER A 51 -8.20 -4.34 5.91
N TYR A 52 -7.92 -3.21 5.24
CA TYR A 52 -7.25 -2.07 5.86
C TYR A 52 -8.03 -1.56 7.07
N VAL A 53 -9.36 -1.40 6.91
CA VAL A 53 -10.21 -0.91 7.99
C VAL A 53 -10.22 -1.89 9.15
N ILE A 54 -10.36 -3.17 8.84
CA ILE A 54 -10.29 -4.23 9.85
C ILE A 54 -8.93 -4.23 10.54
N GLY A 55 -7.85 -4.12 9.75
CA GLY A 55 -6.51 -4.03 10.36
C GLY A 55 -6.35 -2.84 11.31
N GLN A 56 -6.88 -1.68 10.94
CA GLN A 56 -6.81 -0.51 11.79
C GLN A 56 -7.58 -0.76 13.09
N ALA A 57 -8.75 -1.38 12.97
CA ALA A 57 -9.56 -1.65 14.17
C ALA A 57 -8.80 -2.60 15.08
N MET A 58 -8.20 -3.63 14.52
CA MET A 58 -7.39 -4.53 15.34
C MET A 58 -6.15 -3.87 15.97
N LYS A 59 -5.45 -3.04 15.21
CA LYS A 59 -4.29 -2.32 15.74
C LYS A 59 -4.66 -1.41 16.91
N ALA A 60 -5.89 -0.89 16.86
CA ALA A 60 -6.42 -0.05 17.91
C ALA A 60 -6.99 -0.86 19.08
N GLY A 61 -7.04 -2.19 18.92
CA GLY A 61 -7.49 -3.11 19.97
C GLY A 61 -8.97 -3.26 20.13
N LYS A 62 -9.73 -2.91 19.09
CA LYS A 62 -11.20 -2.97 19.18
C LYS A 62 -11.69 -4.41 19.24
N PHE A 63 -10.95 -5.32 18.61
CA PHE A 63 -11.22 -6.74 18.73
C PHE A 63 -9.95 -7.50 18.39
N LYS A 64 -9.96 -8.79 18.65
CA LYS A 64 -8.78 -9.59 18.46
C LYS A 64 -9.10 -10.83 17.64
N GLU A 65 -8.07 -11.47 17.10
CA GLU A 65 -8.23 -12.59 16.19
C GLU A 65 -9.04 -13.78 16.75
N THR A 66 -9.01 -13.95 18.07
CA THR A 66 -9.75 -15.05 18.71
C THR A 66 -11.22 -14.74 19.03
N ASP A 67 -11.62 -13.46 18.91
CA ASP A 67 -13.01 -13.09 19.21
C ASP A 67 -13.98 -13.74 18.22
N LEU A 68 -15.09 -14.29 18.73
CA LEU A 68 -16.10 -14.94 17.89
C LEU A 68 -17.10 -13.93 17.38
N VAL A 69 -17.36 -14.02 16.08
CA VAL A 69 -18.35 -13.19 15.40
C VAL A 69 -19.58 -14.03 15.12
N THR A 70 -20.75 -13.54 15.55
CA THR A 70 -21.96 -14.30 15.33
C THR A 70 -22.55 -13.83 14.00
N ILE A 71 -22.72 -14.77 13.10
CA ILE A 71 -23.13 -14.45 11.73
C ILE A 71 -24.61 -14.08 11.68
N GLY A 72 -24.90 -12.90 11.10
CA GLY A 72 -26.29 -12.43 10.90
C GLY A 72 -26.85 -12.74 9.50
N ASN A 73 -28.13 -12.45 9.32
CA ASN A 73 -28.84 -12.76 8.08
C ASN A 73 -28.17 -12.18 6.83
N ASP A 74 -27.64 -10.96 6.93
CA ASP A 74 -27.05 -10.24 5.79
C ASP A 74 -25.77 -10.89 5.27
N ALA A 75 -25.16 -11.76 6.07
CA ALA A 75 -23.92 -12.45 5.68
C ALA A 75 -24.19 -13.92 5.32
N TRP A 76 -25.46 -14.29 5.32
CA TRP A 76 -25.89 -15.62 4.93
C TRP A 76 -25.72 -15.77 3.42
N ALA A 77 -24.73 -16.56 3.04
CA ALA A 77 -24.32 -16.67 1.65
C ALA A 77 -25.49 -17.02 0.74
N THR A 78 -26.24 -18.04 1.13
CA THR A 78 -27.34 -18.52 0.30
C THR A 78 -28.69 -17.92 0.66
N GLY A 79 -28.68 -16.86 1.48
CA GLY A 79 -29.89 -16.15 1.86
C GLY A 79 -30.02 -14.81 1.18
N ASN A 80 -29.11 -14.50 0.25
CA ASN A 80 -28.99 -13.17 -0.35
C ASN A 80 -28.47 -13.31 -1.78
N PRO A 81 -29.37 -13.41 -2.78
CA PRO A 81 -29.01 -13.58 -4.20
C PRO A 81 -28.01 -12.57 -4.79
N VAL A 82 -27.74 -11.48 -4.07
CA VAL A 82 -26.65 -10.58 -4.47
C VAL A 82 -25.31 -11.35 -4.54
N PHE A 83 -25.22 -12.42 -3.78
CA PHE A 83 -23.98 -13.22 -3.69
C PHE A 83 -23.88 -14.26 -4.80
N LYS A 84 -24.87 -14.31 -5.70
CA LYS A 84 -24.86 -15.31 -6.79
C LYS A 84 -23.60 -15.21 -7.62
N GLY A 85 -22.87 -16.32 -7.69
CA GLY A 85 -21.65 -16.40 -8.50
C GLY A 85 -20.45 -15.73 -7.88
N SER A 86 -20.55 -15.34 -6.62
CA SER A 86 -19.40 -14.67 -6.01
C SER A 86 -18.57 -15.63 -5.18
N SER A 87 -17.37 -15.18 -4.81
CA SER A 87 -16.52 -15.96 -3.90
C SER A 87 -17.12 -15.89 -2.50
N LEU A 88 -17.31 -17.05 -1.86
CA LEU A 88 -18.11 -17.16 -0.60
C LEU A 88 -17.62 -18.23 0.39
N MET A 89 -17.53 -17.88 1.68
CA MET A 89 -17.32 -18.89 2.76
C MET A 89 -18.53 -19.81 2.98
N PHE A 90 -19.69 -19.40 2.48
CA PHE A 90 -20.95 -20.05 2.81
C PHE A 90 -21.25 -20.02 4.29
N LEU A 91 -21.13 -18.81 4.84
CA LEU A 91 -21.55 -18.54 6.20
C LEU A 91 -23.05 -18.71 6.30
N LYS A 92 -23.51 -19.13 7.46
CA LYS A 92 -24.94 -19.22 7.74
C LYS A 92 -25.25 -18.52 9.05
N PRO A 93 -26.48 -17.99 9.19
CA PRO A 93 -26.83 -17.25 10.42
C PRO A 93 -26.69 -18.14 11.64
N GLY A 94 -26.17 -17.59 12.72
CA GLY A 94 -25.98 -18.35 13.94
C GLY A 94 -24.61 -18.98 14.09
N MET A 95 -23.85 -19.13 12.99
CA MET A 95 -22.48 -19.58 13.12
C MET A 95 -21.72 -18.60 14.01
N GLN A 96 -20.77 -19.10 14.78
CA GLN A 96 -19.88 -18.27 15.57
C GLN A 96 -18.46 -18.55 15.10
N VAL A 97 -17.92 -17.59 14.35
CA VAL A 97 -16.66 -17.78 13.64
C VAL A 97 -15.62 -16.84 14.21
N PRO A 98 -14.41 -17.35 14.54
CA PRO A 98 -13.34 -16.44 15.00
C PRO A 98 -13.01 -15.37 13.94
N VAL A 99 -12.69 -14.17 14.41
CA VAL A 99 -12.18 -13.11 13.50
C VAL A 99 -11.07 -13.66 12.59
N SER A 100 -10.17 -14.45 13.18
CA SER A 100 -9.01 -14.98 12.43
C SER A 100 -9.44 -15.73 11.17
N GLN A 101 -10.55 -16.44 11.27
CA GLN A 101 -11.07 -17.21 10.18
C GLN A 101 -11.76 -16.31 9.17
N LEU A 102 -12.51 -15.32 9.64
CA LEU A 102 -13.18 -14.45 8.70
C LEU A 102 -12.20 -13.58 7.92
N ILE A 103 -11.13 -13.11 8.57
CA ILE A 103 -10.20 -12.26 7.86
C ILE A 103 -9.38 -13.04 6.84
N ARG A 104 -9.14 -14.31 7.10
CA ARG A 104 -8.55 -15.19 6.08
C ARG A 104 -9.58 -15.48 4.97
N GLY A 105 -10.85 -15.55 5.32
CA GLY A 105 -11.89 -15.71 4.27
C GLY A 105 -11.85 -14.51 3.33
N ILE A 106 -11.64 -13.32 3.90
CA ILE A 106 -11.55 -12.09 3.11
C ILE A 106 -10.23 -12.06 2.35
N ASN A 107 -9.11 -12.24 3.06
CA ASN A 107 -7.79 -12.02 2.45
C ASN A 107 -7.35 -13.10 1.49
N LEU A 108 -7.50 -14.34 1.91
CA LEU A 108 -7.09 -15.46 1.06
C LEU A 108 -8.12 -15.76 -0.04
N GLN A 109 -9.39 -15.79 0.35
CA GLN A 109 -10.45 -16.34 -0.48
C GLN A 109 -11.35 -15.29 -1.12
N SER A 110 -11.19 -14.02 -0.74
CA SER A 110 -12.11 -12.94 -1.18
C SER A 110 -13.60 -13.30 -0.96
N GLY A 111 -13.90 -13.83 0.23
CA GLY A 111 -15.25 -14.18 0.62
C GLY A 111 -16.11 -12.94 0.80
N ASN A 112 -17.15 -12.81 -0.03
CA ASN A 112 -18.00 -11.61 0.04
C ASN A 112 -18.88 -11.58 1.28
N ASP A 113 -19.31 -12.77 1.67
CA ASP A 113 -20.09 -12.95 2.88
C ASP A 113 -19.26 -12.63 4.12
N ALA A 114 -18.02 -13.09 4.16
CA ALA A 114 -17.10 -12.71 5.28
C ALA A 114 -16.95 -11.19 5.41
N CYS A 115 -16.93 -10.47 4.28
CA CYS A 115 -16.82 -9.01 4.28
C CYS A 115 -18.01 -8.38 5.01
N VAL A 116 -19.20 -8.87 4.71
CA VAL A 116 -20.40 -8.38 5.40
C VAL A 116 -20.35 -8.66 6.90
N ALA A 117 -19.99 -9.90 7.24
CA ALA A 117 -19.92 -10.31 8.64
C ALA A 117 -18.96 -9.43 9.43
N MET A 118 -17.78 -9.18 8.86
CA MET A 118 -16.80 -8.32 9.53
C MET A 118 -17.20 -6.86 9.56
N ALA A 119 -17.89 -6.39 8.52
CA ALA A 119 -18.33 -5.01 8.49
C ALA A 119 -19.35 -4.73 9.59
N ASP A 120 -20.32 -5.61 9.74
CA ASP A 120 -21.28 -5.45 10.83
C ASP A 120 -20.59 -5.59 12.19
N PHE A 121 -19.65 -6.51 12.30
CA PHE A 121 -18.94 -6.69 13.57
C PHE A 121 -18.12 -5.45 13.94
N ALA A 122 -17.39 -4.91 12.98
CA ALA A 122 -16.48 -3.81 13.22
C ALA A 122 -17.16 -2.48 13.32
N ALA A 123 -18.25 -2.30 12.56
CA ALA A 123 -18.80 -0.95 12.40
C ALA A 123 -20.33 -0.81 12.57
N GLY A 124 -21.01 -1.91 12.83
CA GLY A 124 -22.47 -1.88 13.12
C GLY A 124 -23.35 -2.15 11.92
N SER A 125 -22.98 -1.58 10.77
CA SER A 125 -23.72 -1.77 9.52
C SER A 125 -22.75 -1.66 8.38
N GLN A 126 -23.15 -2.22 7.24
CA GLN A 126 -22.37 -2.08 6.01
C GLN A 126 -22.19 -0.61 5.64
N ASP A 127 -23.26 0.19 5.75
CA ASP A 127 -23.17 1.62 5.44
C ASP A 127 -22.14 2.37 6.29
N ALA A 128 -22.12 2.10 7.61
CA ALA A 128 -21.14 2.71 8.49
C ALA A 128 -19.72 2.25 8.15
N PHE A 129 -19.57 0.97 7.83
CA PHE A 129 -18.26 0.44 7.42
C PHE A 129 -17.78 1.09 6.12
N VAL A 130 -18.67 1.22 5.14
CA VAL A 130 -18.32 1.94 3.91
C VAL A 130 -17.91 3.39 4.18
N GLY A 131 -18.59 4.07 5.11
CA GLY A 131 -18.09 5.38 5.59
C GLY A 131 -16.66 5.37 6.10
N LEU A 132 -16.29 4.36 6.89
CA LEU A 132 -14.89 4.24 7.31
C LEU A 132 -13.97 4.06 6.11
N MET A 133 -14.35 3.20 5.18
CA MET A 133 -13.55 2.99 3.96
C MET A 133 -13.28 4.31 3.27
N ASN A 134 -14.34 5.09 3.08
CA ASN A 134 -14.19 6.35 2.37
C ASN A 134 -13.47 7.42 3.20
N SER A 135 -13.52 7.28 4.52
CA SER A 135 -12.77 8.17 5.41
C SER A 135 -11.26 7.98 5.20
N TYR A 136 -10.84 6.70 5.11
CA TYR A 136 -9.45 6.39 4.83
C TYR A 136 -9.06 6.74 3.40
N VAL A 137 -10.00 6.67 2.45
CA VAL A 137 -9.70 7.19 1.11
C VAL A 137 -9.28 8.65 1.24
N ASN A 138 -10.00 9.43 2.04
CA ASN A 138 -9.62 10.81 2.28
C ASN A 138 -8.30 10.98 3.02
N ALA A 139 -8.12 10.21 4.08
CA ALA A 139 -6.90 10.26 4.90
C ALA A 139 -5.66 9.98 4.08
N LEU A 140 -5.79 9.06 3.12
CA LEU A 140 -4.68 8.61 2.27
C LEU A 140 -4.47 9.50 1.04
N GLY A 141 -5.30 10.53 0.89
CA GLY A 141 -5.16 11.51 -0.17
C GLY A 141 -5.47 11.00 -1.57
N LEU A 142 -6.29 9.94 -1.64
CA LEU A 142 -6.60 9.29 -2.93
C LEU A 142 -7.59 10.15 -3.68
N LYS A 143 -7.27 10.40 -4.95
CA LYS A 143 -8.02 11.33 -5.80
C LYS A 143 -9.03 10.69 -6.73
N ASN A 144 -8.96 9.37 -6.90
CA ASN A 144 -9.82 8.71 -7.88
C ASN A 144 -10.41 7.41 -7.34
N THR A 145 -10.84 7.45 -6.08
CA THR A 145 -11.43 6.27 -5.45
C THR A 145 -12.67 6.64 -4.66
N HIS A 146 -13.68 5.78 -4.78
CA HIS A 146 -14.89 5.86 -3.97
C HIS A 146 -15.54 4.51 -3.87
N PHE A 147 -15.84 4.12 -2.63
CA PHE A 147 -16.50 2.85 -2.37
C PHE A 147 -17.96 3.01 -2.00
N GLN A 148 -18.76 2.04 -2.43
CA GLN A 148 -20.16 2.01 -2.07
C GLN A 148 -20.57 0.76 -1.28
N THR A 149 -19.80 -0.32 -1.42
CA THR A 149 -20.06 -1.53 -0.63
C THR A 149 -18.78 -2.15 -0.06
N VAL A 150 -18.96 -3.13 0.82
CA VAL A 150 -17.84 -3.65 1.63
C VAL A 150 -17.07 -4.76 0.92
N HIS A 151 -17.55 -5.18 -0.26
CA HIS A 151 -16.92 -6.31 -0.96
C HIS A 151 -16.45 -6.07 -2.40
N GLY A 152 -16.90 -5.03 -3.06
N GLY A 152 -17.12 -5.12 -3.04
CA GLY A 152 -16.29 -4.73 -4.35
CA GLY A 152 -17.02 -4.86 -4.48
C GLY A 152 -16.99 -5.40 -5.51
C GLY A 152 -18.34 -5.01 -5.25
N LEU A 153 -18.08 -6.09 -5.20
N LEU A 153 -19.35 -5.59 -4.62
CA LEU A 153 -19.00 -6.46 -6.27
CA LEU A 153 -20.59 -5.95 -5.33
C LEU A 153 -19.24 -5.18 -7.06
C LEU A 153 -21.73 -4.94 -5.17
N ASP A 154 -19.37 -5.28 -8.38
N ASP A 154 -22.59 -4.87 -6.18
CA ASP A 154 -19.60 -4.12 -9.22
CA ASP A 154 -23.79 -4.05 -6.10
C ASP A 154 -20.72 -3.26 -8.63
C ASP A 154 -23.45 -2.59 -5.87
N ALA A 155 -20.43 -1.99 -8.38
N ALA A 155 -22.46 -2.09 -6.60
CA ALA A 155 -21.45 -1.08 -7.87
CA ALA A 155 -21.96 -0.74 -6.36
C ALA A 155 -21.46 0.19 -8.71
C ALA A 155 -21.70 0.06 -7.65
N ASP A 156 -22.66 0.67 -9.03
N ASP A 156 -22.76 0.64 -8.20
CA ASP A 156 -22.78 1.77 -9.97
CA ASP A 156 -22.65 1.35 -9.48
C ASP A 156 -21.90 2.99 -9.70
C ASP A 156 -21.71 2.57 -9.52
N GLY A 157 -21.74 3.38 -8.44
CA GLY A 157 -20.94 4.60 -8.24
C GLY A 157 -19.59 4.39 -7.57
N GLN A 158 -19.12 3.17 -7.62
CA GLN A 158 -17.83 2.81 -7.01
C GLN A 158 -16.75 2.80 -8.07
N TYR A 159 -15.55 3.23 -7.71
CA TYR A 159 -14.41 3.25 -8.61
C TYR A 159 -13.08 3.36 -7.86
N SER A 160 -12.01 2.99 -8.55
CA SER A 160 -10.67 3.30 -8.09
C SER A 160 -9.78 3.38 -9.32
N SER A 161 -8.46 3.34 -9.13
CA SER A 161 -7.53 3.48 -10.24
C SER A 161 -6.29 2.67 -9.91
N ALA A 162 -5.43 2.50 -10.90
CA ALA A 162 -4.21 1.73 -10.63
C ALA A 162 -3.34 2.42 -9.58
N ARG A 163 -3.11 3.72 -9.73
CA ARG A 163 -2.35 4.47 -8.70
C ARG A 163 -2.99 4.29 -7.34
N ASP A 164 -4.30 4.51 -7.26
CA ASP A 164 -4.92 4.52 -5.91
C ASP A 164 -4.85 3.13 -5.27
N MET A 165 -4.97 2.09 -6.08
CA MET A 165 -4.94 0.72 -5.51
C MET A 165 -3.51 0.38 -5.09
N ALA A 166 -2.53 0.86 -5.85
CA ALA A 166 -1.14 0.67 -5.41
C ALA A 166 -0.90 1.38 -4.07
N LEU A 167 -1.52 2.56 -3.87
CA LEU A 167 -1.29 3.33 -2.67
C LEU A 167 -2.02 2.68 -1.48
N ILE A 168 -3.16 2.04 -1.76
CA ILE A 168 -3.89 1.32 -0.73
C ILE A 168 -3.03 0.13 -0.32
N GLY A 169 -2.41 -0.55 -1.29
CA GLY A 169 -1.45 -1.64 -0.97
C GLY A 169 -0.29 -1.16 -0.10
N GLN A 170 0.29 -0.05 -0.50
CA GLN A 170 1.37 0.53 0.27
C GLN A 170 0.90 0.83 1.70
N ALA A 171 -0.34 1.31 1.83
CA ALA A 171 -0.87 1.68 3.13
C ALA A 171 -1.05 0.45 4.02
N LEU A 172 -1.51 -0.65 3.42
CA LEU A 172 -1.71 -1.90 4.15
C LEU A 172 -0.39 -2.41 4.70
N ILE A 173 0.63 -2.37 3.85
CA ILE A 173 1.93 -2.88 4.26
C ILE A 173 2.53 -2.02 5.36
N ARG A 174 2.33 -0.70 5.24
CA ARG A 174 2.99 0.25 6.11
C ARG A 174 2.27 0.40 7.46
N ASP A 175 0.94 0.52 7.42
CA ASP A 175 0.17 0.92 8.60
C ASP A 175 -0.36 -0.25 9.40
N VAL A 176 -0.67 -1.36 8.72
CA VAL A 176 -1.25 -2.51 9.41
C VAL A 176 -0.49 -3.81 9.10
N PRO A 177 0.81 -3.83 9.44
CA PRO A 177 1.64 -4.95 9.01
C PRO A 177 1.16 -6.31 9.52
N ASN A 178 0.51 -6.34 10.68
CA ASN A 178 -0.02 -7.61 11.18
C ASN A 178 -1.15 -8.15 10.29
N GLU A 179 -1.92 -7.23 9.71
CA GLU A 179 -2.94 -7.60 8.75
C GLU A 179 -2.27 -8.03 7.46
N TYR A 180 -1.28 -7.26 7.03
CA TYR A 180 -0.62 -7.59 5.78
C TYR A 180 0.09 -8.95 5.79
N SER A 181 0.66 -9.31 6.93
CA SER A 181 1.35 -10.61 7.04
C SER A 181 0.44 -11.82 6.68
N ILE A 182 -0.87 -11.65 6.77
CA ILE A 182 -1.79 -12.73 6.43
C ILE A 182 -1.80 -13.07 4.94
N TYR A 183 -1.46 -12.11 4.10
CA TYR A 183 -1.70 -12.25 2.69
C TYR A 183 -0.79 -13.28 1.97
N LYS A 184 0.32 -13.63 2.60
CA LYS A 184 1.23 -14.61 2.01
C LYS A 184 0.84 -16.03 2.39
N GLU A 185 -0.14 -16.19 3.30
CA GLU A 185 -0.52 -17.53 3.73
C GLU A 185 -1.17 -18.27 2.58
N LYS A 186 -0.65 -19.45 2.27
CA LYS A 186 -1.09 -20.13 1.06
C LYS A 186 -2.45 -20.82 1.14
N GLU A 187 -2.87 -21.12 2.36
CA GLU A 187 -4.17 -21.77 2.56
C GLU A 187 -4.65 -21.57 3.99
N PHE A 188 -5.94 -21.74 4.20
CA PHE A 188 -6.52 -21.89 5.53
C PHE A 188 -7.65 -22.92 5.43
N THR A 189 -8.16 -23.40 6.57
CA THR A 189 -9.28 -24.33 6.58
C THR A 189 -10.48 -23.77 7.34
N PHE A 190 -11.66 -23.85 6.72
CA PHE A 190 -12.92 -23.47 7.34
C PHE A 190 -13.99 -24.53 7.07
N ASN A 191 -14.67 -24.95 8.15
CA ASN A 191 -15.71 -25.98 8.08
C ASN A 191 -15.24 -27.27 7.41
N GLY A 192 -14.05 -27.71 7.79
CA GLY A 192 -13.46 -28.93 7.26
C GLY A 192 -13.01 -28.88 5.81
N ILE A 193 -13.04 -27.68 5.20
CA ILE A 193 -12.59 -27.55 3.83
C ILE A 193 -11.40 -26.61 3.73
N ARG A 194 -10.33 -27.11 3.12
CA ARG A 194 -9.15 -26.31 2.85
C ARG A 194 -9.43 -25.30 1.74
N GLN A 195 -8.97 -24.08 1.94
CA GLN A 195 -9.17 -23.03 0.94
C GLN A 195 -7.85 -22.40 0.58
N LEU A 196 -7.56 -22.40 -0.71
CA LEU A 196 -6.28 -21.88 -1.22
C LEU A 196 -6.37 -20.39 -1.42
N ASN A 197 -5.29 -19.70 -1.05
CA ASN A 197 -5.09 -18.28 -1.38
C ASN A 197 -5.19 -18.14 -2.88
N ARG A 198 -6.02 -17.20 -3.34
CA ARG A 198 -6.28 -17.05 -4.77
C ARG A 198 -5.15 -16.32 -5.51
N ASN A 199 -4.20 -15.78 -4.77
CA ASN A 199 -3.06 -15.10 -5.38
C ASN A 199 -2.03 -16.14 -5.86
N GLY A 200 -2.20 -16.62 -7.10
CA GLY A 200 -1.26 -17.60 -7.72
C GLY A 200 0.22 -17.26 -7.69
N LEU A 201 0.57 -15.98 -7.78
CA LEU A 201 1.99 -15.58 -7.73
C LEU A 201 2.74 -15.99 -6.46
N LEU A 202 2.02 -16.30 -5.39
CA LEU A 202 2.67 -16.73 -4.16
C LEU A 202 3.48 -17.98 -4.40
N TRP A 203 3.08 -18.76 -5.41
CA TRP A 203 3.79 -20.01 -5.72
C TRP A 203 4.84 -19.86 -6.83
N ASP A 204 5.05 -18.63 -7.31
CA ASP A 204 6.11 -18.40 -8.29
C ASP A 204 7.47 -18.29 -7.62
N ASN A 205 8.27 -19.35 -7.78
CA ASN A 205 9.65 -19.50 -7.27
C ASN A 205 10.63 -18.44 -7.70
N SER A 206 10.35 -17.76 -8.81
CA SER A 206 11.27 -16.76 -9.37
C SER A 206 11.23 -15.39 -8.68
N LEU A 207 10.16 -15.15 -7.91
CA LEU A 207 9.93 -13.89 -7.21
C LEU A 207 9.65 -14.21 -5.75
N ASN A 208 9.79 -13.21 -4.89
CA ASN A 208 9.25 -13.31 -3.54
C ASN A 208 8.01 -12.45 -3.47
N VAL A 209 6.90 -12.95 -3.98
CA VAL A 209 5.62 -12.25 -3.89
C VAL A 209 4.96 -12.63 -2.57
N ASP A 210 4.49 -11.62 -1.83
CA ASP A 210 3.80 -11.90 -0.56
C ASP A 210 2.46 -11.19 -0.41
N GLY A 211 1.96 -10.67 -1.52
CA GLY A 211 0.62 -10.05 -1.60
C GLY A 211 0.28 -9.64 -3.04
N ILE A 212 -0.88 -9.02 -3.27
CA ILE A 212 -1.80 -8.62 -2.21
C ILE A 212 -3.22 -9.11 -2.54
N LYS A 213 -3.75 -8.76 -3.71
CA LYS A 213 -5.13 -9.09 -4.04
C LYS A 213 -5.34 -9.26 -5.51
N THR A 214 -5.87 -10.42 -5.87
CA THR A 214 -6.28 -10.66 -7.24
C THR A 214 -7.80 -10.64 -7.25
N GLY A 215 -8.39 -10.22 -8.36
CA GLY A 215 -9.85 -10.17 -8.42
C GLY A 215 -10.37 -9.92 -9.79
N HIS A 216 -11.53 -10.52 -10.09
CA HIS A 216 -12.19 -10.36 -11.36
C HIS A 216 -13.66 -10.09 -11.06
N THR A 217 -14.25 -9.21 -11.86
CA THR A 217 -15.70 -9.12 -12.00
C THR A 217 -15.89 -8.95 -13.50
N ASP A 218 -17.13 -8.97 -13.95
CA ASP A 218 -17.41 -8.85 -15.37
C ASP A 218 -17.05 -7.47 -15.93
N LYS A 219 -17.30 -6.42 -15.15
CA LYS A 219 -16.96 -5.05 -15.56
C LYS A 219 -15.49 -4.70 -15.37
N ALA A 220 -14.84 -5.32 -14.39
CA ALA A 220 -13.46 -4.97 -14.06
C ALA A 220 -12.42 -5.67 -14.95
N GLY A 221 -12.77 -6.82 -15.53
CA GLY A 221 -11.74 -7.66 -16.18
C GLY A 221 -10.85 -8.20 -15.07
N TYR A 222 -9.61 -8.58 -15.41
CA TYR A 222 -8.71 -9.14 -14.42
C TYR A 222 -7.94 -8.01 -13.75
N ASN A 223 -7.94 -8.04 -12.43
CA ASN A 223 -7.26 -7.03 -11.65
C ASN A 223 -6.32 -7.68 -10.69
N LEU A 224 -5.15 -7.08 -10.49
CA LEU A 224 -4.19 -7.63 -9.53
C LEU A 224 -3.36 -6.51 -8.91
N VAL A 225 -3.26 -6.51 -7.59
CA VAL A 225 -2.28 -5.70 -6.91
C VAL A 225 -1.33 -6.68 -6.27
N ALA A 226 -0.06 -6.58 -6.67
CA ALA A 226 0.95 -7.54 -6.23
C ALA A 226 2.04 -6.77 -5.54
N SER A 227 2.70 -7.41 -4.57
CA SER A 227 3.90 -6.81 -3.98
C SER A 227 4.94 -7.89 -3.80
N ALA A 228 6.20 -7.52 -4.03
CA ALA A 228 7.29 -8.50 -4.02
C ALA A 228 8.53 -7.84 -3.50
N THR A 229 9.48 -8.64 -3.01
CA THR A 229 10.73 -8.10 -2.52
C THR A 229 11.96 -8.77 -3.13
N GLU A 230 13.07 -8.05 -3.10
CA GLU A 230 14.37 -8.58 -3.49
C GLU A 230 15.38 -7.74 -2.73
N GLY A 231 16.12 -8.34 -1.80
CA GLY A 231 17.01 -7.58 -0.93
C GLY A 231 16.38 -6.39 -0.21
N GLN A 232 16.96 -5.20 -0.41
CA GLN A 232 16.50 -3.97 0.28
C GLN A 232 15.24 -3.42 -0.36
N MET A 233 14.61 -4.21 -1.21
CA MET A 233 13.67 -3.60 -2.12
C MET A 233 12.30 -4.26 -2.18
N ARG A 234 11.27 -3.43 -2.11
CA ARG A 234 9.91 -3.90 -2.23
C ARG A 234 9.21 -3.04 -3.24
N LEU A 235 8.63 -3.72 -4.22
CA LEU A 235 7.83 -3.11 -5.29
C LEU A 235 6.36 -3.45 -5.09
N ILE A 236 5.50 -2.56 -5.56
CA ILE A 236 4.07 -2.82 -5.64
C ILE A 236 3.62 -2.57 -7.10
N SER A 237 2.89 -3.53 -7.66
CA SER A 237 2.29 -3.34 -8.99
C SER A 237 0.78 -3.35 -8.86
N ALA A 238 0.12 -2.48 -9.62
CA ALA A 238 -1.33 -2.60 -9.79
C ALA A 238 -1.60 -2.66 -11.25
N VAL A 239 -2.37 -3.68 -11.64
CA VAL A 239 -2.71 -3.86 -13.05
C VAL A 239 -4.21 -4.07 -13.10
N MET A 240 -4.88 -3.19 -13.81
CA MET A 240 -6.33 -3.20 -13.77
C MET A 240 -6.88 -3.37 -15.16
N GLY A 241 -7.94 -4.13 -15.28
CA GLY A 241 -8.54 -4.37 -16.60
C GLY A 241 -7.64 -5.22 -17.46
N GLY A 242 -6.94 -6.17 -16.83
CA GLY A 242 -6.19 -7.20 -17.57
C GLY A 242 -7.14 -7.86 -18.54
N ARG A 243 -6.68 -8.00 -19.78
CA ARG A 243 -7.54 -8.44 -20.89
C ARG A 243 -7.76 -9.95 -21.04
N THR A 244 -6.80 -10.77 -20.57
CA THR A 244 -6.91 -12.21 -20.74
C THR A 244 -6.77 -12.97 -19.43
N PHE A 245 -7.37 -14.16 -19.42
CA PHE A 245 -7.16 -15.11 -18.35
C PHE A 245 -5.68 -15.51 -18.23
N LYS A 246 -5.02 -15.75 -19.37
CA LYS A 246 -3.64 -16.24 -19.37
C LYS A 246 -2.63 -15.18 -18.91
N GLY A 247 -3.02 -13.90 -18.97
CA GLY A 247 -2.14 -12.84 -18.53
C GLY A 247 -2.40 -12.35 -17.11
N ARG A 248 -3.30 -13.01 -16.39
CA ARG A 248 -3.77 -12.53 -15.09
C ARG A 248 -2.67 -12.44 -14.01
N GLU A 249 -1.63 -13.26 -14.14
CA GLU A 249 -0.45 -13.15 -13.27
C GLU A 249 0.77 -12.71 -14.05
N ALA A 250 0.88 -13.19 -15.30
CA ALA A 250 2.06 -12.94 -16.13
C ALA A 250 2.36 -11.47 -16.42
N GLU A 251 1.32 -10.66 -16.61
CA GLU A 251 1.53 -9.25 -16.96
C GLU A 251 2.17 -8.53 -15.78
N SER A 252 1.67 -8.81 -14.58
CA SER A 252 2.23 -8.23 -13.35
C SER A 252 3.63 -8.76 -13.10
N LYS A 253 3.85 -10.02 -13.44
CA LYS A 253 5.20 -10.60 -13.28
C LYS A 253 6.18 -9.86 -14.19
N LYS A 254 5.74 -9.52 -15.41
CA LYS A 254 6.57 -8.71 -16.32
C LYS A 254 7.02 -7.39 -15.69
N LEU A 255 6.08 -6.67 -15.06
CA LEU A 255 6.38 -5.39 -14.45
C LEU A 255 7.34 -5.52 -13.27
N LEU A 256 7.03 -6.43 -12.36
CA LEU A 256 7.83 -6.62 -11.18
C LEU A 256 9.25 -7.04 -11.55
N THR A 257 9.38 -8.02 -12.46
CA THR A 257 10.69 -8.49 -12.89
C THR A 257 11.50 -7.36 -13.54
N TRP A 258 10.85 -6.59 -14.41
CA TRP A 258 11.50 -5.41 -15.02
C TRP A 258 11.96 -4.40 -13.95
N GLY A 259 11.09 -4.12 -12.99
CA GLY A 259 11.42 -3.22 -11.87
C GLY A 259 12.72 -3.58 -11.17
N PHE A 260 12.85 -4.85 -10.79
CA PHE A 260 14.00 -5.26 -9.97
C PHE A 260 15.26 -5.27 -10.82
N ARG A 261 15.08 -5.56 -12.11
CA ARG A 261 16.26 -5.63 -12.99
C ARG A 261 16.87 -4.25 -13.25
N PHE A 262 16.02 -3.22 -13.36
CA PHE A 262 16.52 -1.91 -13.77
C PHE A 262 16.65 -0.86 -12.68
N PHE A 263 16.07 -1.12 -11.51
CA PHE A 263 16.09 -0.14 -10.44
C PHE A 263 16.54 -0.73 -9.10
N GLU A 264 17.01 0.16 -8.23
CA GLU A 264 17.28 -0.23 -6.85
C GLU A 264 16.88 0.89 -5.89
N THR A 265 16.66 0.49 -4.64
CA THR A 265 16.31 1.37 -3.54
C THR A 265 17.52 1.55 -2.63
N VAL A 266 17.85 2.80 -2.36
CA VAL A 266 18.92 3.17 -1.43
C VAL A 266 18.32 3.94 -0.26
N ASN A 267 18.95 3.79 0.91
CA ASN A 267 18.51 4.44 2.14
C ASN A 267 19.69 5.23 2.68
N PRO A 268 19.96 6.39 2.07
CA PRO A 268 21.19 7.13 2.38
C PRO A 268 21.20 7.86 3.72
N LEU A 269 20.03 7.98 4.36
CA LEU A 269 19.94 8.73 5.61
C LEU A 269 18.76 8.29 6.47
N LYS A 270 19.01 8.07 7.76
CA LYS A 270 17.93 7.74 8.69
C LYS A 270 17.59 8.88 9.67
N VAL A 271 16.35 8.88 10.17
CA VAL A 271 15.87 9.89 11.12
C VAL A 271 16.84 9.96 12.27
N GLY A 272 17.19 11.17 12.66
CA GLY A 272 17.94 11.38 13.90
C GLY A 272 19.45 11.35 13.72
N LYS A 273 19.92 11.00 12.54
CA LYS A 273 21.36 10.94 12.23
C LYS A 273 21.81 12.23 11.54
N GLU A 274 22.96 12.74 11.96
CA GLU A 274 23.44 14.02 11.46
C GLU A 274 23.93 13.98 10.01
N PHE A 275 23.28 14.79 9.17
CA PHE A 275 23.69 14.96 7.78
C PHE A 275 24.61 16.16 7.64
N ALA A 276 24.32 17.19 8.42
CA ALA A 276 25.11 18.42 8.38
C ALA A 276 25.11 19.12 9.73
N SER A 277 26.06 20.05 9.91
CA SER A 277 26.08 20.92 11.08
C SER A 277 26.26 22.37 10.63
N GLU A 278 25.64 23.29 11.37
CA GLU A 278 25.77 24.71 11.07
C GLU A 278 25.88 25.49 12.37
N PRO A 279 26.61 26.63 12.35
CA PRO A 279 26.60 27.42 13.58
C PRO A 279 25.22 27.99 13.91
N VAL A 280 25.00 28.24 15.20
CA VAL A 280 23.75 28.80 15.67
C VAL A 280 24.07 29.98 16.57
N TRP A 281 23.25 31.03 16.48
CA TRP A 281 23.34 32.20 17.35
C TRP A 281 22.30 32.21 18.42
N PHE A 282 22.68 32.76 19.58
CA PHE A 282 21.81 32.93 20.74
C PHE A 282 21.44 31.62 21.46
N GLY A 283 22.04 30.51 21.05
CA GLY A 283 21.68 29.20 21.64
C GLY A 283 22.44 28.78 22.90
N ASP A 284 21.96 27.70 23.54
CA ASP A 284 22.71 26.99 24.59
C ASP A 284 23.81 26.06 24.02
N SER A 285 23.86 25.98 22.69
CA SER A 285 24.88 25.23 21.95
C SER A 285 25.33 26.17 20.85
N ASP A 286 26.58 26.02 20.40
CA ASP A 286 27.07 26.86 19.29
C ASP A 286 26.84 26.25 17.91
N ARG A 287 26.36 25.01 17.87
CA ARG A 287 26.10 24.32 16.58
C ARG A 287 24.82 23.52 16.54
N ALA A 288 24.14 23.58 15.39
CA ALA A 288 22.91 22.84 15.18
C ALA A 288 23.19 21.59 14.37
N SER A 289 22.70 20.46 14.85
CA SER A 289 22.84 19.18 14.17
C SER A 289 21.62 19.02 13.27
N LEU A 290 21.87 18.80 11.97
CA LEU A 290 20.82 18.80 10.98
C LEU A 290 20.71 17.48 10.24
N GLY A 291 19.47 17.10 9.93
CA GLY A 291 19.18 15.83 9.22
C GLY A 291 17.75 15.80 8.74
N VAL A 292 17.07 14.66 8.92
CA VAL A 292 15.69 14.49 8.46
C VAL A 292 14.79 13.97 9.57
N ASP A 293 13.48 14.18 9.41
CA ASP A 293 12.48 13.67 10.36
C ASP A 293 11.78 12.41 9.87
N LYS A 294 12.28 11.85 8.77
CA LYS A 294 11.70 10.67 8.13
C LYS A 294 12.81 10.02 7.31
N ASP A 295 12.94 8.70 7.46
CA ASP A 295 13.96 7.96 6.72
C ASP A 295 13.89 8.30 5.24
N VAL A 296 15.05 8.56 4.65
CA VAL A 296 15.14 8.83 3.20
C VAL A 296 15.32 7.54 2.40
N TYR A 297 14.38 7.28 1.51
CA TYR A 297 14.52 6.19 0.55
C TYR A 297 14.45 6.79 -0.84
N LEU A 298 15.39 6.41 -1.70
CA LEU A 298 15.40 6.86 -3.09
C LEU A 298 15.42 5.66 -4.03
N THR A 299 14.72 5.76 -5.14
CA THR A 299 14.82 4.71 -6.16
C THR A 299 15.61 5.24 -7.34
N ILE A 300 16.68 4.53 -7.67
CA ILE A 300 17.60 4.99 -8.72
C ILE A 300 17.82 3.85 -9.72
N PRO A 301 18.40 4.15 -10.89
CA PRO A 301 18.80 3.03 -11.75
C PRO A 301 19.77 2.07 -11.07
N ARG A 302 19.58 0.76 -11.30
CA ARG A 302 20.35 -0.27 -10.60
C ARG A 302 21.82 -0.16 -10.94
N GLY A 303 22.65 -0.09 -9.89
CA GLY A 303 24.11 0.01 -9.99
C GLY A 303 24.67 1.43 -9.92
N ARG A 304 23.80 2.43 -9.81
CA ARG A 304 24.24 3.84 -9.72
C ARG A 304 24.46 4.32 -8.28
N MET A 305 24.32 3.43 -7.30
CA MET A 305 24.45 3.81 -5.89
C MET A 305 25.77 4.53 -5.59
N LYS A 306 26.85 4.08 -6.23
CA LYS A 306 28.18 4.69 -5.99
C LYS A 306 28.31 6.09 -6.59
N ASP A 307 27.38 6.46 -7.47
CA ASP A 307 27.39 7.75 -8.14
C ASP A 307 26.51 8.79 -7.46
N LEU A 308 25.72 8.35 -6.48
CA LEU A 308 24.84 9.27 -5.74
C LEU A 308 25.66 10.30 -4.97
N LYS A 309 25.26 11.56 -5.09
CA LYS A 309 25.90 12.62 -4.33
C LYS A 309 24.81 13.36 -3.57
N ALA A 310 25.20 13.97 -2.47
CA ALA A 310 24.25 14.70 -1.67
C ALA A 310 24.86 16.02 -1.22
N SER A 311 24.01 17.03 -1.17
CA SER A 311 24.43 18.35 -0.71
C SER A 311 23.19 19.05 -0.16
N TYR A 312 23.34 20.28 0.32
CA TYR A 312 22.19 20.97 0.89
C TYR A 312 22.25 22.46 0.71
N VAL A 313 21.09 23.08 0.87
CA VAL A 313 20.93 24.52 0.86
C VAL A 313 20.20 24.91 2.12
N LEU A 314 20.39 26.16 2.55
CA LEU A 314 19.73 26.67 3.75
C LEU A 314 18.75 27.78 3.40
N ASN A 315 17.64 27.81 4.12
CA ASN A 315 16.59 28.78 3.86
C ASN A 315 17.02 30.19 4.25
N SER A 316 17.75 30.30 5.35
CA SER A 316 18.09 31.59 5.92
C SER A 316 19.61 31.75 5.97
N SER A 317 20.08 32.99 5.97
CA SER A 317 21.51 33.23 6.04
C SER A 317 22.12 32.69 7.33
N GLU A 318 21.41 32.91 8.43
CA GLU A 318 21.86 32.54 9.78
C GLU A 318 20.81 31.71 10.49
N LEU A 319 21.28 30.85 11.38
CA LEU A 319 20.39 30.15 12.29
C LEU A 319 20.39 30.83 13.64
N HIS A 320 19.20 31.16 14.12
CA HIS A 320 19.03 31.84 15.40
C HIS A 320 18.20 30.99 16.37
N ALA A 321 18.75 30.70 17.55
CA ALA A 321 17.97 30.08 18.62
C ALA A 321 16.75 30.93 18.99
N PRO A 322 15.68 30.33 19.53
CA PRO A 322 15.47 28.91 19.79
C PRO A 322 15.21 28.14 18.50
N LEU A 323 15.80 26.95 18.40
CA LEU A 323 15.54 26.03 17.30
C LEU A 323 14.77 24.86 17.89
N GLN A 324 13.59 24.60 17.33
CA GLN A 324 12.77 23.46 17.73
C GLN A 324 13.21 22.18 17.06
N LYS A 325 12.97 21.05 17.72
CA LYS A 325 13.22 19.74 17.10
C LYS A 325 12.36 19.64 15.87
N ASN A 326 12.97 19.12 14.80
CA ASN A 326 12.33 18.95 13.49
C ASN A 326 11.94 20.25 12.77
N GLN A 327 12.45 21.38 13.26
CA GLN A 327 12.27 22.65 12.55
C GLN A 327 12.96 22.57 11.19
N VAL A 328 12.22 22.95 10.13
CA VAL A 328 12.77 22.95 8.78
C VAL A 328 13.68 24.15 8.54
N VAL A 329 14.91 23.87 8.13
CA VAL A 329 15.90 24.94 7.95
C VAL A 329 16.53 24.95 6.55
N GLY A 330 16.17 23.98 5.73
CA GLY A 330 16.83 23.84 4.42
C GLY A 330 16.28 22.69 3.63
N THR A 331 17.05 22.28 2.64
CA THR A 331 16.66 21.19 1.76
C THR A 331 17.90 20.39 1.40
N ILE A 332 17.77 19.06 1.39
CA ILE A 332 18.83 18.17 0.97
C ILE A 332 18.58 17.78 -0.47
N ASN A 333 19.61 17.95 -1.30
CA ASN A 333 19.52 17.62 -2.72
C ASN A 333 20.31 16.38 -2.95
N PHE A 334 19.68 15.34 -3.50
CA PHE A 334 20.39 14.12 -3.89
C PHE A 334 20.58 14.14 -5.41
N GLN A 335 21.79 13.86 -5.89
CA GLN A 335 22.18 14.11 -7.27
C GLN A 335 22.82 12.91 -7.95
N LEU A 336 22.55 12.79 -9.25
CA LEU A 336 23.15 11.77 -10.10
C LEU A 336 23.53 12.45 -11.39
N ASP A 337 24.78 12.28 -11.81
CA ASP A 337 25.30 12.95 -13.02
C ASP A 337 25.05 14.45 -13.04
N GLY A 338 25.26 15.09 -11.88
CA GLY A 338 25.17 16.56 -11.75
C GLY A 338 23.79 17.18 -11.64
N LYS A 339 22.75 16.35 -11.75
CA LYS A 339 21.38 16.83 -11.70
C LYS A 339 20.66 16.32 -10.44
N THR A 340 20.06 17.24 -9.70
CA THR A 340 19.23 16.88 -8.55
C THR A 340 18.08 15.97 -8.99
N ILE A 341 18.01 14.78 -8.39
CA ILE A 341 16.96 13.81 -8.73
C ILE A 341 15.89 13.73 -7.63
N GLU A 342 16.29 14.11 -6.41
CA GLU A 342 15.44 14.01 -5.22
C GLU A 342 15.78 15.11 -4.18
N GLN A 343 14.75 15.68 -3.54
CA GLN A 343 14.92 16.67 -2.47
C GLN A 343 14.19 16.22 -1.21
N ARG A 344 14.76 16.49 -0.04
CA ARG A 344 14.12 16.16 1.22
C ARG A 344 14.37 17.31 2.19
N PRO A 345 13.40 17.58 3.06
CA PRO A 345 13.56 18.67 4.03
C PRO A 345 14.72 18.47 5.01
N LEU A 346 15.50 19.53 5.23
CA LEU A 346 16.60 19.51 6.20
C LEU A 346 16.11 20.13 7.50
N VAL A 347 16.17 19.35 8.58
CA VAL A 347 15.54 19.73 9.84
C VAL A 347 16.51 19.67 11.02
N VAL A 348 16.18 20.37 12.12
CA VAL A 348 17.01 20.41 13.31
C VAL A 348 16.73 19.13 14.10
N LEU A 349 17.78 18.39 14.41
CA LEU A 349 17.69 17.06 15.03
C LEU A 349 17.55 17.04 16.55
N GLN A 350 18.20 18.01 17.22
CA GLN A 350 18.11 18.18 18.68
C GLN A 350 17.81 19.65 18.96
N GLU A 351 16.77 19.90 19.76
CA GLU A 351 16.34 21.29 20.07
C GLU A 351 17.49 22.15 20.62
N ILE A 352 17.49 23.42 20.22
CA ILE A 352 18.47 24.38 20.75
C ILE A 352 17.70 25.55 21.31
N PRO A 353 17.43 25.54 22.63
CA PRO A 353 16.74 26.71 23.16
C PRO A 353 17.72 27.88 23.27
N GLU A 354 17.19 29.07 23.54
CA GLU A 354 18.01 30.24 23.82
C GLU A 354 18.94 29.96 25.00
N GLY A 355 20.17 30.46 24.93
CA GLY A 355 21.15 30.25 25.99
C GLY A 355 20.66 30.73 27.35
N ASN A 356 20.97 29.97 28.38
CA ASN A 356 20.75 30.44 29.76
C ASN A 356 22.00 30.25 30.61
N PHE A 357 22.48 31.36 31.17
CA PHE A 357 23.74 31.36 31.88
C PHE A 357 23.56 32.14 33.19
#